data_2FU4
#
_entry.id   2FU4
#
_cell.length_a   38.500
_cell.length_b   159.270
_cell.length_c   28.650
_cell.angle_alpha   90.00
_cell.angle_beta   90.00
_cell.angle_gamma   90.00
#
_symmetry.space_group_name_H-M   'P 21 21 2'
#
loop_
_entity.id
_entity.type
_entity.pdbx_description
1 polymer 'Ferric uptake regulation protein'
2 non-polymer 'CADMIUM ION'
3 non-polymer 'CHLORIDE ION'
4 non-polymer GLYCEROL
5 water water
#
_entity_poly.entity_id   1
_entity_poly.type   'polypeptide(L)'
_entity_poly.pdbx_seq_one_letter_code
;MTDNNTALKKAGLKVTLPRLKILEVLQEPDNHHVSAEDLYKRLIDMGEEIGLATVYRVLNQFDDAGIVTRHNFEGGKSVF
ELT
;
_entity_poly.pdbx_strand_id   A,B
#
# COMPACT_ATOMS: atom_id res chain seq x y z
N ASP A 3 1.11 -25.11 -5.68
CA ASP A 3 1.39 -24.67 -7.08
C ASP A 3 1.18 -23.16 -7.24
N ASN A 4 2.28 -22.41 -7.22
CA ASN A 4 2.19 -20.94 -7.28
C ASN A 4 1.92 -20.41 -8.68
N ASN A 5 2.25 -21.21 -9.69
CA ASN A 5 1.85 -20.93 -11.07
C ASN A 5 0.32 -20.83 -11.16
N THR A 6 -0.35 -21.84 -10.62
CA THR A 6 -1.81 -21.90 -10.62
C THR A 6 -2.40 -20.80 -9.74
N ALA A 7 -1.78 -20.55 -8.59
CA ALA A 7 -2.21 -19.44 -7.73
C ALA A 7 -2.23 -18.08 -8.46
N LEU A 8 -1.18 -17.79 -9.20
CA LEU A 8 -1.10 -16.54 -9.92
C LEU A 8 -2.16 -16.46 -11.04
N LYS A 9 -2.33 -17.55 -11.79
CA LYS A 9 -3.33 -17.58 -12.84
C LYS A 9 -4.72 -17.35 -12.23
N LYS A 10 -4.98 -18.04 -11.12
CA LYS A 10 -6.27 -18.01 -10.45
C LYS A 10 -6.55 -16.59 -9.99
N ALA A 11 -5.50 -15.83 -9.67
CA ALA A 11 -5.64 -14.42 -9.30
C ALA A 11 -5.56 -13.43 -10.47
N GLY A 12 -5.48 -13.95 -11.68
CA GLY A 12 -5.49 -13.11 -12.87
C GLY A 12 -4.19 -12.38 -13.17
N LEU A 13 -3.07 -12.97 -12.77
CA LEU A 13 -1.76 -12.36 -12.94
C LEU A 13 -0.84 -13.24 -13.80
N LYS A 14 -0.12 -12.62 -14.73
CA LYS A 14 0.89 -13.33 -15.53
C LYS A 14 1.99 -13.85 -14.60
N VAL A 15 2.43 -15.07 -14.84
CA VAL A 15 3.49 -15.68 -14.04
C VAL A 15 4.82 -15.00 -14.43
N THR A 16 5.53 -14.50 -13.42
CA THR A 16 6.84 -13.90 -13.62
C THR A 16 7.73 -14.39 -12.47
N LEU A 17 9.04 -14.24 -12.61
CA LEU A 17 9.95 -14.70 -11.56
C LEU A 17 9.77 -13.90 -10.25
N PRO A 18 9.72 -12.56 -10.32
CA PRO A 18 9.47 -11.84 -9.07
C PRO A 18 8.17 -12.25 -8.38
N ARG A 19 7.09 -12.47 -9.12
CA ARG A 19 5.84 -12.88 -8.46
C ARG A 19 5.97 -14.24 -7.80
N LEU A 20 6.62 -15.19 -8.48
CA LEU A 20 6.86 -16.50 -7.90
C LEU A 20 7.75 -16.41 -6.65
N LYS A 21 8.85 -15.66 -6.72
CA LYS A 21 9.78 -15.59 -5.59
C LYS A 21 9.21 -14.85 -4.39
N ILE A 22 8.37 -13.86 -4.65
CA ILE A 22 7.68 -13.10 -3.59
CA ILE A 22 7.73 -13.12 -3.57
C ILE A 22 6.66 -14.00 -2.88
N LEU A 23 5.89 -14.77 -3.67
CA LEU A 23 4.98 -15.78 -3.09
C LEU A 23 5.75 -16.77 -2.23
N GLU A 24 6.88 -17.24 -2.74
CA GLU A 24 7.72 -18.19 -2.01
C GLU A 24 8.10 -17.66 -0.64
N VAL A 25 8.54 -16.41 -0.59
CA VAL A 25 8.94 -15.83 0.69
C VAL A 25 7.76 -15.74 1.66
N LEU A 26 6.62 -15.30 1.15
CA LEU A 26 5.41 -15.18 1.96
C LEU A 26 4.98 -16.54 2.53
N GLN A 27 5.41 -17.62 1.86
CA GLN A 27 5.09 -18.97 2.31
C GLN A 27 6.06 -19.57 3.35
N GLU A 28 7.15 -18.84 3.66
CA GLU A 28 8.08 -19.27 4.70
C GLU A 28 7.47 -18.95 6.07
N PRO A 29 7.51 -19.90 7.01
CA PRO A 29 6.98 -19.64 8.37
C PRO A 29 7.46 -18.34 9.02
N ASP A 30 8.75 -18.04 8.95
CA ASP A 30 9.27 -16.85 9.62
C ASP A 30 8.82 -15.55 8.96
N ASN A 31 8.36 -15.65 7.72
CA ASN A 31 7.90 -14.49 6.94
C ASN A 31 6.40 -14.48 6.69
N HIS A 32 5.67 -15.17 7.55
CA HIS A 32 4.21 -15.26 7.49
C HIS A 32 3.62 -13.85 7.38
N HIS A 33 4.09 -12.95 8.25
CA HIS A 33 3.84 -11.51 8.08
C HIS A 33 5.17 -10.87 7.78
N VAL A 34 5.23 -10.01 6.76
CA VAL A 34 6.50 -9.41 6.40
C VAL A 34 6.29 -8.02 5.80
N SER A 35 7.17 -7.08 6.15
CA SER A 35 7.23 -5.77 5.50
C SER A 35 7.86 -5.92 4.13
N ALA A 36 7.56 -4.97 3.24
CA ALA A 36 8.21 -4.96 1.93
C ALA A 36 9.73 -4.95 2.08
N GLU A 37 10.24 -4.15 3.01
CA GLU A 37 11.69 -4.01 3.25
C GLU A 37 12.32 -5.34 3.69
N ASP A 38 11.68 -6.04 4.63
CA ASP A 38 12.19 -7.34 5.08
C ASP A 38 12.07 -8.43 4.03
N LEU A 39 11.02 -8.36 3.22
CA LEU A 39 10.84 -9.33 2.12
C LEU A 39 11.96 -9.12 1.09
N TYR A 40 12.23 -7.87 0.76
CA TYR A 40 13.36 -7.54 -0.10
C TYR A 40 14.69 -8.08 0.46
N LYS A 41 14.93 -7.89 1.77
CA LYS A 41 16.17 -8.39 2.37
C LYS A 41 16.30 -9.91 2.28
N ARG A 42 15.19 -10.60 2.51
CA ARG A 42 15.16 -12.04 2.33
C ARG A 42 15.47 -12.44 0.89
N LEU A 43 14.94 -11.68 -0.08
CA LEU A 43 15.27 -11.94 -1.47
C LEU A 43 16.78 -11.77 -1.74
N ILE A 44 17.37 -10.70 -1.19
CA ILE A 44 18.83 -10.47 -1.30
C ILE A 44 19.61 -11.65 -0.72
N ASP A 45 19.20 -12.09 0.47
CA ASP A 45 19.79 -13.24 1.16
C ASP A 45 19.73 -14.53 0.31
N MET A 46 18.62 -14.72 -0.39
CA MET A 46 18.45 -15.86 -1.30
C MET A 46 19.27 -15.80 -2.59
N GLY A 47 19.90 -14.66 -2.85
CA GLY A 47 20.69 -14.52 -4.08
C GLY A 47 19.95 -13.97 -5.28
N GLU A 48 18.71 -13.50 -5.05
CA GLU A 48 17.95 -12.81 -6.09
C GLU A 48 18.43 -11.39 -6.36
N GLU A 49 18.14 -10.91 -7.58
CA GLU A 49 18.32 -9.51 -7.94
C GLU A 49 16.98 -8.91 -8.34
N ILE A 50 16.11 -8.83 -7.35
CA ILE A 50 14.80 -8.19 -7.46
C ILE A 50 14.88 -6.93 -6.62
N GLY A 51 14.61 -5.78 -7.23
CA GLY A 51 14.74 -4.50 -6.55
C GLY A 51 13.57 -4.18 -5.62
N LEU A 52 13.80 -3.26 -4.70
CA LEU A 52 12.78 -2.93 -3.73
C LEU A 52 11.51 -2.36 -4.34
N ALA A 53 11.61 -1.51 -5.39
CA ALA A 53 10.39 -0.96 -6.01
C ALA A 53 9.56 -2.08 -6.62
N THR A 54 10.22 -3.09 -7.17
CA THR A 54 9.52 -4.24 -7.70
C THR A 54 8.76 -4.99 -6.61
N VAL A 55 9.41 -5.18 -5.48
CA VAL A 55 8.76 -5.79 -4.33
C VAL A 55 7.48 -5.05 -3.93
N TYR A 56 7.56 -3.73 -3.74
CA TYR A 56 6.38 -2.91 -3.47
C TYR A 56 5.28 -3.05 -4.54
N ARG A 57 5.69 -2.94 -5.80
CA ARG A 57 4.74 -3.05 -6.90
C ARG A 57 4.02 -4.39 -6.91
N VAL A 58 4.78 -5.48 -6.71
CA VAL A 58 4.19 -6.82 -6.69
C VAL A 58 3.24 -7.02 -5.51
N LEU A 59 3.65 -6.57 -4.33
CA LEU A 59 2.82 -6.71 -3.13
C LEU A 59 1.50 -5.94 -3.26
N ASN A 60 1.58 -4.76 -3.86
CA ASN A 60 0.39 -3.95 -4.01
C ASN A 60 -0.56 -4.53 -5.06
N GLN A 61 0.02 -5.16 -6.07
CA GLN A 61 -0.76 -5.90 -7.06
C GLN A 61 -1.44 -7.12 -6.40
N PHE A 62 -0.68 -7.83 -5.57
CA PHE A 62 -1.20 -8.98 -4.82
C PHE A 62 -2.36 -8.56 -3.91
N ASP A 63 -2.25 -7.37 -3.33
CA ASP A 63 -3.31 -6.86 -2.46
C ASP A 63 -4.57 -6.62 -3.30
N ASP A 64 -4.40 -5.98 -4.45
CA ASP A 64 -5.53 -5.77 -5.38
C ASP A 64 -6.18 -7.06 -5.83
N ALA A 65 -5.36 -8.08 -6.02
CA ALA A 65 -5.81 -9.37 -6.52
C ALA A 65 -6.43 -10.23 -5.41
N GLY A 66 -6.30 -9.78 -4.17
CA GLY A 66 -6.80 -10.52 -3.02
C GLY A 66 -5.91 -11.68 -2.56
N ILE A 67 -4.65 -11.67 -3.00
CA ILE A 67 -3.65 -12.69 -2.63
C ILE A 67 -3.06 -12.38 -1.27
N VAL A 68 -2.93 -11.09 -0.94
CA VAL A 68 -2.37 -10.70 0.36
C VAL A 68 -3.24 -9.71 1.11
N THR A 69 -3.03 -9.69 2.42
CA THR A 69 -3.64 -8.73 3.33
C THR A 69 -2.58 -7.79 3.87
N ARG A 70 -2.89 -6.49 3.86
CA ARG A 70 -2.00 -5.48 4.37
C ARG A 70 -2.45 -5.10 5.77
N HIS A 71 -1.49 -4.96 6.70
CA HIS A 71 -1.75 -4.42 8.02
C HIS A 71 -0.91 -3.18 8.30
N ASN A 72 -1.54 -2.15 8.84
CA ASN A 72 -0.86 -0.89 9.14
C ASN A 72 -0.84 -0.71 10.64
N PHE A 73 0.35 -0.64 11.22
CA PHE A 73 0.52 -0.54 12.67
C PHE A 73 0.89 0.88 13.09
N GLU A 74 0.88 1.13 14.39
CA GLU A 74 1.44 2.36 14.97
C GLU A 74 2.82 2.71 14.39
N GLY A 75 3.04 4.00 14.15
CA GLY A 75 4.33 4.50 13.70
C GLY A 75 4.57 4.31 12.21
N GLY A 76 3.52 3.96 11.47
CA GLY A 76 3.62 3.84 10.01
C GLY A 76 4.30 2.56 9.53
N LYS A 77 4.47 1.61 10.44
CA LYS A 77 5.01 0.30 10.13
C LYS A 77 3.93 -0.55 9.52
N SER A 78 4.27 -1.27 8.47
N SER A 78 4.30 -1.31 8.49
CA SER A 78 3.30 -2.09 7.72
CA SER A 78 3.35 -2.07 7.67
C SER A 78 3.85 -3.47 7.45
C SER A 78 3.85 -3.48 7.41
N VAL A 79 2.93 -4.44 7.35
CA VAL A 79 3.28 -5.82 7.00
C VAL A 79 2.21 -6.45 6.10
N PHE A 80 2.63 -7.49 5.39
CA PHE A 80 1.78 -8.22 4.47
C PHE A 80 1.74 -9.68 4.85
N GLU A 81 0.60 -10.32 4.63
CA GLU A 81 0.50 -11.78 4.73
C GLU A 81 -0.43 -12.33 3.65
N LEU A 82 -0.29 -13.60 3.31
CA LEU A 82 -1.19 -14.24 2.36
C LEU A 82 -2.57 -14.33 2.97
N THR A 83 -3.60 -14.04 2.17
N THR A 83 -3.58 -14.10 2.13
CA THR A 83 -4.98 -14.05 2.66
CA THR A 83 -4.99 -14.25 2.51
C THR A 83 -5.52 -15.47 2.85
C THR A 83 -5.43 -15.71 2.52
N ASP B 3 -17.86 17.68 -4.76
CA ASP B 3 -18.25 17.45 -3.34
C ASP B 3 -17.62 16.18 -2.79
N ASN B 4 -16.82 16.34 -1.74
CA ASN B 4 -16.10 15.20 -1.16
C ASN B 4 -17.01 14.17 -0.47
N ASN B 5 -18.12 14.63 0.12
CA ASN B 5 -19.10 13.72 0.73
C ASN B 5 -19.63 12.72 -0.29
N THR B 6 -19.98 13.22 -1.47
CA THR B 6 -20.49 12.42 -2.58
C THR B 6 -19.46 11.40 -3.07
N ALA B 7 -18.23 11.85 -3.30
CA ALA B 7 -17.14 10.97 -3.67
C ALA B 7 -17.04 9.80 -2.70
N LEU B 8 -17.07 10.09 -1.40
CA LEU B 8 -16.95 9.07 -0.35
C LEU B 8 -18.13 8.12 -0.36
N LYS B 9 -19.34 8.67 -0.42
CA LYS B 9 -20.57 7.88 -0.45
C LYS B 9 -20.63 6.96 -1.68
N LYS B 10 -20.36 7.54 -2.85
CA LYS B 10 -20.35 6.77 -4.09
C LYS B 10 -19.22 5.76 -4.11
N ALA B 11 -18.15 6.03 -3.36
CA ALA B 11 -17.07 5.07 -3.22
C ALA B 11 -17.41 4.00 -2.19
N GLY B 12 -18.49 4.22 -1.45
CA GLY B 12 -18.95 3.27 -0.43
C GLY B 12 -18.37 3.45 0.96
N LEU B 13 -17.81 4.62 1.25
CA LEU B 13 -17.16 4.88 2.53
C LEU B 13 -17.99 5.82 3.40
N LYS B 14 -18.08 5.52 4.69
CA LYS B 14 -18.67 6.45 5.66
C LYS B 14 -17.89 7.77 5.64
N VAL B 15 -18.63 8.88 5.62
CA VAL B 15 -18.02 10.19 5.75
C VAL B 15 -17.55 10.41 7.19
N THR B 16 -16.24 10.56 7.36
CA THR B 16 -15.64 10.91 8.66
C THR B 16 -14.76 12.13 8.48
N LEU B 17 -14.47 12.82 9.57
CA LEU B 17 -13.57 13.97 9.52
C LEU B 17 -12.15 13.65 8.98
N PRO B 18 -11.51 12.56 9.46
CA PRO B 18 -10.19 12.26 8.87
C PRO B 18 -10.25 11.99 7.37
N ARG B 19 -11.27 11.28 6.90
CA ARG B 19 -11.40 11.01 5.46
C ARG B 19 -11.54 12.29 4.67
N LEU B 20 -12.35 13.22 5.17
CA LEU B 20 -12.55 14.48 4.51
C LEU B 20 -11.26 15.30 4.51
N LYS B 21 -10.54 15.30 5.64
CA LYS B 21 -9.33 16.12 5.77
C LYS B 21 -8.22 15.60 4.86
N ILE B 22 -8.16 14.28 4.72
CA ILE B 22 -7.18 13.61 3.85
CA ILE B 22 -7.16 13.65 3.86
C ILE B 22 -7.46 13.92 2.39
N LEU B 23 -8.74 13.86 1.99
CA LEU B 23 -9.13 14.25 0.62
C LEU B 23 -8.77 15.70 0.31
N GLU B 24 -8.95 16.58 1.30
CA GLU B 24 -8.64 18.02 1.17
C GLU B 24 -7.15 18.28 0.94
N VAL B 25 -6.29 17.56 1.68
CA VAL B 25 -4.85 17.69 1.44
C VAL B 25 -4.52 17.22 0.00
N LEU B 26 -5.06 16.09 -0.41
CA LEU B 26 -4.82 15.58 -1.78
C LEU B 26 -5.27 16.53 -2.88
N GLN B 27 -6.20 17.42 -2.55
CA GLN B 27 -6.71 18.42 -3.50
C GLN B 27 -5.90 19.73 -3.55
N GLU B 28 -4.93 19.87 -2.67
CA GLU B 28 -4.04 21.04 -2.67
C GLU B 28 -3.00 20.91 -3.78
N PRO B 29 -2.81 21.98 -4.59
CA PRO B 29 -1.80 21.87 -5.65
C PRO B 29 -0.43 21.30 -5.24
N ASP B 30 0.12 21.74 -4.11
CA ASP B 30 1.45 21.31 -3.67
C ASP B 30 1.49 19.83 -3.25
N ASN B 31 0.33 19.29 -2.93
CA ASN B 31 0.23 17.92 -2.47
C ASN B 31 -0.49 17.00 -3.46
N HIS B 32 -0.47 17.39 -4.73
CA HIS B 32 -1.04 16.59 -5.81
C HIS B 32 -0.53 15.16 -5.73
N HIS B 33 0.78 14.99 -5.54
CA HIS B 33 1.34 13.67 -5.25
C HIS B 33 1.96 13.76 -3.87
N VAL B 34 1.62 12.82 -2.99
CA VAL B 34 2.13 12.88 -1.64
C VAL B 34 2.26 11.47 -1.04
N SER B 35 3.32 11.25 -0.27
CA SER B 35 3.44 10.03 0.53
C SER B 35 2.56 10.17 1.77
N ALA B 36 2.25 9.04 2.41
CA ALA B 36 1.53 9.04 3.67
C ALA B 36 2.22 9.93 4.70
N GLU B 37 3.55 9.80 4.80
CA GLU B 37 4.33 10.62 5.75
C GLU B 37 4.18 12.09 5.47
N ASP B 38 4.30 12.49 4.20
CA ASP B 38 4.22 13.90 3.86
C ASP B 38 2.81 14.43 4.04
N LEU B 39 1.82 13.58 3.80
CA LEU B 39 0.42 13.97 3.99
C LEU B 39 0.20 14.18 5.49
N TYR B 40 0.69 13.26 6.31
CA TYR B 40 0.62 13.40 7.76
C TYR B 40 1.29 14.70 8.23
N LYS B 41 2.46 15.02 7.68
CA LYS B 41 3.18 16.26 8.04
C LYS B 41 2.34 17.50 7.75
N ARG B 42 1.66 17.49 6.61
CA ARG B 42 0.81 18.62 6.24
C ARG B 42 -0.38 18.75 7.20
N LEU B 43 -0.96 17.61 7.60
CA LEU B 43 -2.09 17.60 8.53
C LEU B 43 -1.65 18.17 9.87
N ILE B 44 -0.44 17.82 10.29
CA ILE B 44 0.12 18.37 11.52
C ILE B 44 0.19 19.89 11.39
N ASP B 45 0.74 20.37 10.28
CA ASP B 45 0.81 21.81 9.99
C ASP B 45 -0.56 22.51 10.04
N MET B 46 -1.61 21.77 9.69
CA MET B 46 -2.98 22.32 9.67
C MET B 46 -3.64 22.28 11.06
N GLY B 47 -2.91 21.80 12.06
CA GLY B 47 -3.44 21.69 13.43
C GLY B 47 -4.31 20.46 13.68
N GLU B 48 -4.29 19.51 12.75
CA GLU B 48 -5.09 18.31 12.87
C GLU B 48 -4.49 17.36 13.88
N GLU B 49 -5.33 16.48 14.42
CA GLU B 49 -4.90 15.46 15.36
C GLU B 49 -5.21 14.11 14.77
N ILE B 50 -4.69 13.87 13.57
CA ILE B 50 -4.89 12.61 12.86
C ILE B 50 -3.55 11.86 12.90
N GLY B 51 -3.56 10.64 13.45
CA GLY B 51 -2.34 9.85 13.62
C GLY B 51 -1.81 9.28 12.32
N LEU B 52 -0.51 8.94 12.30
CA LEU B 52 0.13 8.46 11.08
C LEU B 52 -0.48 7.14 10.58
N ALA B 53 -0.73 6.22 11.51
CA ALA B 53 -1.32 4.94 11.14
C ALA B 53 -2.71 5.14 10.53
N THR B 54 -3.49 6.08 11.05
CA THR B 54 -4.78 6.44 10.41
C THR B 54 -4.60 6.96 8.97
N VAL B 55 -3.60 7.80 8.74
CA VAL B 55 -3.32 8.29 7.37
C VAL B 55 -3.06 7.12 6.43
N TYR B 56 -2.21 6.19 6.85
CA TYR B 56 -1.93 4.99 6.05
C TYR B 56 -3.20 4.17 5.76
N ARG B 57 -3.97 3.91 6.81
CA ARG B 57 -5.23 3.17 6.69
C ARG B 57 -6.23 3.82 5.74
N VAL B 58 -6.43 5.13 5.90
CA VAL B 58 -7.33 5.88 5.00
C VAL B 58 -6.85 5.83 3.55
N LEU B 59 -5.55 6.05 3.33
CA LEU B 59 -5.00 6.02 1.96
C LEU B 59 -5.16 4.66 1.32
N ASN B 60 -4.89 3.61 2.07
CA ASN B 60 -5.07 2.27 1.52
C ASN B 60 -6.54 1.89 1.24
N GLN B 61 -7.45 2.40 2.07
CA GLN B 61 -8.89 2.27 1.79
C GLN B 61 -9.28 3.03 0.51
N PHE B 62 -8.75 4.24 0.37
CA PHE B 62 -8.96 5.10 -0.82
C PHE B 62 -8.47 4.40 -2.08
N ASP B 63 -7.32 3.73 -1.97
CA ASP B 63 -6.80 2.94 -3.09
C ASP B 63 -7.79 1.85 -3.50
N ASP B 64 -8.26 1.08 -2.52
CA ASP B 64 -9.24 0.02 -2.78
C ASP B 64 -10.57 0.54 -3.34
N ALA B 65 -10.95 1.76 -2.99
CA ALA B 65 -12.18 2.37 -3.50
C ALA B 65 -12.01 3.03 -4.87
N GLY B 66 -10.79 3.03 -5.39
CA GLY B 66 -10.47 3.70 -6.65
C GLY B 66 -10.48 5.23 -6.58
N ILE B 67 -10.34 5.77 -5.36
CA ILE B 67 -10.27 7.21 -5.12
C ILE B 67 -8.86 7.76 -5.36
N VAL B 68 -7.85 6.95 -5.03
CA VAL B 68 -6.47 7.39 -5.30
C VAL B 68 -5.71 6.36 -6.10
N THR B 69 -4.64 6.83 -6.76
CA THR B 69 -3.69 5.99 -7.48
C THR B 69 -2.40 5.97 -6.67
N ARG B 70 -1.80 4.79 -6.58
CA ARG B 70 -0.57 4.62 -5.83
C ARG B 70 0.63 4.43 -6.78
N HIS B 71 1.73 5.14 -6.54
CA HIS B 71 2.95 4.97 -7.32
C HIS B 71 4.12 4.52 -6.46
N ASN B 72 4.86 3.53 -6.95
CA ASN B 72 6.04 3.03 -6.26
C ASN B 72 7.32 3.37 -7.03
N PHE B 73 8.14 4.25 -6.46
CA PHE B 73 9.39 4.72 -7.07
C PHE B 73 10.62 3.97 -6.61
N GLU B 74 11.76 4.20 -7.28
CA GLU B 74 13.06 3.69 -6.85
C GLU B 74 13.32 4.04 -5.40
N GLY B 75 13.82 3.09 -4.63
CA GLY B 75 14.15 3.33 -3.22
C GLY B 75 13.03 2.95 -2.26
N GLY B 76 11.86 2.60 -2.80
CA GLY B 76 10.72 2.16 -1.99
C GLY B 76 9.75 3.27 -1.64
N LYS B 77 9.90 4.41 -2.28
CA LYS B 77 9.08 5.60 -2.04
C LYS B 77 7.69 5.40 -2.64
N SER B 78 6.67 5.49 -1.79
N SER B 78 6.65 5.56 -1.81
CA SER B 78 5.29 5.19 -2.18
CA SER B 78 5.26 5.18 -2.15
C SER B 78 4.39 6.43 -2.11
C SER B 78 4.24 6.32 -2.11
N VAL B 79 3.97 6.91 -3.28
CA VAL B 79 3.25 8.16 -3.39
C VAL B 79 1.82 8.01 -3.91
N PHE B 80 0.93 8.88 -3.45
CA PHE B 80 -0.49 8.82 -3.82
C PHE B 80 -0.91 10.09 -4.55
N GLU B 81 -1.85 9.93 -5.48
CA GLU B 81 -2.60 11.06 -6.04
C GLU B 81 -4.04 10.67 -6.30
N LEU B 82 -4.92 11.67 -6.44
CA LEU B 82 -6.33 11.41 -6.73
C LEU B 82 -6.47 10.90 -8.15
N THR B 83 -7.32 9.89 -8.32
CA THR B 83 -7.60 9.29 -9.62
C THR B 83 -8.49 10.22 -10.47
#